data_1VCN
#
_entry.id   1VCN
#
_cell.length_a   90.41
_cell.length_b   117.10
_cell.length_c   142.34
_cell.angle_alpha   90
_cell.angle_beta   90
_cell.angle_gamma   90
#
_symmetry.space_group_name_H-M   'I 2 2 2'
#
loop_
_entity.id
_entity.type
_entity.pdbx_description
1 polymer 'CTP synthetase'
2 non-polymer 'SULFATE ION'
3 water water
#
_entity_poly.entity_id   1
_entity_poly.type   'polypeptide(L)'
_entity_poly.pdbx_seq_one_letter_code
;MNGSADAGPRPRKYVFITGGVVSSLGKGILTSSLGALLRARGYRVTAIKIDPYVNVDAGTMRPYEHGEVFVTADGAETDL
DIGHYERFLDMDLSRGNNLTTGQVYLSVIQKERRGEYLSQTVQVIPHITDEIKERIRKVAEEQKAEIVVVEVGGTVGDIE
SLPFLEAIRQFRFDEGEGNTLYLHLTLVPYLETSEEFKTKPTQHSVATLRGVGIQPDILVLRSARPVPEEVRRKVALFTN
VRPGHVFSSPTVEHLYEVPLLLEEQGLGRAVERALGLEAVIPNLSFWQEAVRVLKHPERTVKIAIAGKYVKMPDAYLSLL
EALRHAGIKNRARVEVKWVDAESLEAADLDEAFRDVSGILVPGGFGVRGIEGKVRAAQYARERKIPYLGICLGLQIAVIE
FARNVAGLKGANSTEFDPHTPHPVIDLMPEQLEVEGLGGTMRLGDWPMRIKPGTLLHRLYGKEEVLERHRHRYEVNPLYV
DGLERAGLVVSATTPGMRGRGAGLVEAIELKDHPFFLGLQSHPEFKSRPMRPSPPFVGFVEAALAYQERA
;
_entity_poly.pdbx_strand_id   A
#
loop_
_chem_comp.id
_chem_comp.type
_chem_comp.name
_chem_comp.formula
SO4 non-polymer 'SULFATE ION' 'O4 S -2'
#
# COMPACT_ATOMS: atom_id res chain seq x y z
N PRO A 11 26.49 3.50 13.26
CA PRO A 11 25.86 4.82 13.02
C PRO A 11 24.73 4.67 12.01
N ARG A 12 23.57 5.21 12.34
CA ARG A 12 22.44 5.11 11.44
C ARG A 12 22.64 5.95 10.17
N LYS A 13 22.32 5.37 9.02
CA LYS A 13 22.45 6.04 7.73
C LYS A 13 21.07 6.52 7.26
N TYR A 14 21.07 7.67 6.59
CA TYR A 14 19.83 8.24 6.06
C TYR A 14 19.96 8.53 4.58
N VAL A 15 19.02 8.03 3.81
CA VAL A 15 18.99 8.23 2.37
C VAL A 15 17.69 9.01 2.14
N PHE A 16 17.81 10.26 1.69
CA PHE A 16 16.64 11.08 1.44
C PHE A 16 16.37 11.09 -0.06
N ILE A 17 15.10 10.92 -0.43
CA ILE A 17 14.72 10.89 -1.83
C ILE A 17 13.70 12.00 -2.12
N THR A 18 14.06 12.93 -3.00
CA THR A 18 13.17 14.04 -3.35
C THR A 18 12.78 13.94 -4.81
N GLY A 19 11.74 14.67 -5.20
CA GLY A 19 11.28 14.65 -6.57
C GLY A 19 11.23 16.05 -7.16
N GLY A 20 11.56 16.13 -8.45
CA GLY A 20 11.55 17.42 -9.14
C GLY A 20 10.91 17.38 -10.53
N VAL A 21 10.56 18.58 -11.00
CA VAL A 21 9.94 18.82 -12.30
C VAL A 21 8.44 18.52 -12.25
N VAL A 22 8.09 17.26 -12.03
CA VAL A 22 6.69 16.86 -11.90
C VAL A 22 6.64 15.66 -10.97
N SER A 23 5.47 15.43 -10.40
CA SER A 23 5.26 14.30 -9.50
C SER A 23 4.76 13.12 -10.32
N SER A 24 4.44 12.03 -9.63
CA SER A 24 3.94 10.80 -10.26
C SER A 24 4.94 10.06 -11.15
N LEU A 25 6.23 10.18 -10.86
CA LEU A 25 7.23 9.51 -11.68
C LEU A 25 7.66 8.17 -11.05
N GLY A 26 6.90 7.72 -10.07
CA GLY A 26 7.19 6.46 -9.40
C GLY A 26 8.19 6.53 -8.26
N LYS A 27 8.18 7.63 -7.51
CA LYS A 27 9.11 7.78 -6.39
C LYS A 27 8.85 6.77 -5.29
N GLY A 28 7.59 6.36 -5.15
CA GLY A 28 7.24 5.40 -4.11
C GLY A 28 7.91 4.06 -4.39
N ILE A 29 7.85 3.64 -5.64
CA ILE A 29 8.47 2.39 -6.05
C ILE A 29 9.99 2.50 -5.94
N LEU A 30 10.51 3.69 -6.27
CA LEU A 30 11.95 3.94 -6.20
C LEU A 30 12.39 3.78 -4.75
N THR A 31 11.64 4.40 -3.85
CA THR A 31 11.96 4.30 -2.45
C THR A 31 11.91 2.82 -2.03
N SER A 32 10.80 2.16 -2.36
CA SER A 32 10.60 0.76 -2.03
C SER A 32 11.73 -0.12 -2.56
N SER A 33 12.05 0.05 -3.85
CA SER A 33 13.09 -0.72 -4.50
C SER A 33 14.46 -0.52 -3.88
N LEU A 34 14.80 0.72 -3.52
CA LEU A 34 16.11 0.98 -2.93
C LEU A 34 16.19 0.32 -1.58
N GLY A 35 15.09 0.40 -0.83
CA GLY A 35 15.03 -0.23 0.47
C GLY A 35 15.20 -1.73 0.38
N ALA A 36 14.58 -2.36 -0.61
CA ALA A 36 14.70 -3.80 -0.78
C ALA A 36 16.13 -4.19 -1.15
N LEU A 37 16.76 -3.36 -1.99
CA LEU A 37 18.13 -3.60 -2.42
C LEU A 37 19.06 -3.54 -1.22
N LEU A 38 18.69 -2.74 -0.24
CA LEU A 38 19.48 -2.59 0.97
C LEU A 38 19.22 -3.79 1.90
N ARG A 39 17.99 -4.29 1.93
CA ARG A 39 17.68 -5.45 2.76
C ARG A 39 18.41 -6.67 2.19
N ALA A 40 18.43 -6.80 0.87
CA ALA A 40 19.12 -7.90 0.22
C ALA A 40 20.63 -7.88 0.52
N ARG A 41 21.06 -6.88 1.28
CA ARG A 41 22.46 -6.76 1.66
C ARG A 41 22.57 -7.03 3.16
N GLY A 42 21.47 -7.48 3.75
CA GLY A 42 21.45 -7.79 5.17
C GLY A 42 21.28 -6.67 6.17
N TYR A 43 20.87 -5.50 5.71
CA TYR A 43 20.68 -4.36 6.62
C TYR A 43 19.27 -4.29 7.17
N ARG A 44 19.14 -3.71 8.35
CA ARG A 44 17.85 -3.48 8.96
C ARG A 44 17.44 -2.13 8.36
N VAL A 45 16.39 -2.15 7.56
CA VAL A 45 15.90 -0.96 6.88
C VAL A 45 14.46 -0.57 7.23
N THR A 46 14.13 0.70 7.04
CA THR A 46 12.77 1.18 7.23
C THR A 46 12.55 2.35 6.28
N ALA A 47 11.29 2.62 5.96
CA ALA A 47 10.99 3.70 5.05
C ALA A 47 9.98 4.66 5.64
N ILE A 48 10.17 5.95 5.37
CA ILE A 48 9.28 6.99 5.87
C ILE A 48 8.75 7.83 4.71
N LYS A 49 7.44 8.03 4.67
CA LYS A 49 6.85 8.85 3.62
C LYS A 49 6.44 10.17 4.26
N ILE A 50 6.92 11.26 3.67
CA ILE A 50 6.59 12.60 4.13
C ILE A 50 5.57 13.16 3.14
N ASP A 51 4.37 13.43 3.63
CA ASP A 51 3.34 14.01 2.78
C ASP A 51 3.11 15.44 3.29
N PRO A 52 3.60 16.44 2.53
CA PRO A 52 3.50 17.86 2.83
C PRO A 52 2.11 18.49 2.89
N TYR A 53 1.05 17.73 2.62
CA TYR A 53 -0.28 18.33 2.70
C TYR A 53 -0.62 18.65 4.17
N VAL A 54 -1.57 19.54 4.37
CA VAL A 54 -1.96 19.96 5.70
C VAL A 54 -2.83 18.93 6.46
N ASN A 55 -3.37 17.94 5.76
CA ASN A 55 -4.19 16.91 6.42
C ASN A 55 -3.36 16.18 7.50
N VAL A 56 -3.94 15.99 8.67
CA VAL A 56 -3.22 15.32 9.76
C VAL A 56 -2.83 13.90 9.34
N ASP A 57 -3.77 13.19 8.72
CA ASP A 57 -3.51 11.86 8.16
C ASP A 57 -4.39 11.69 6.94
N ALA A 58 -4.46 10.48 6.41
CA ALA A 58 -5.23 10.23 5.19
C ALA A 58 -6.68 9.76 5.41
N GLY A 59 -7.17 9.86 6.63
CA GLY A 59 -8.51 9.42 6.93
C GLY A 59 -9.66 10.28 6.42
N THR A 60 -9.39 11.54 6.10
CA THR A 60 -10.43 12.43 5.60
C THR A 60 -10.45 12.43 4.08
N MET A 61 -9.58 11.63 3.48
CA MET A 61 -9.46 11.53 2.03
C MET A 61 -10.64 10.76 1.41
N GLY A 67 -7.45 7.57 -4.60
CA GLY A 67 -6.37 6.62 -4.22
C GLY A 67 -6.67 5.95 -2.90
N GLU A 68 -6.26 4.69 -2.77
CA GLU A 68 -6.51 3.95 -1.54
C GLU A 68 -5.87 4.58 -0.31
N VAL A 69 -6.48 4.31 0.84
CA VAL A 69 -5.98 4.77 2.10
C VAL A 69 -5.48 3.46 2.69
N PHE A 70 -4.19 3.36 2.92
CA PHE A 70 -3.63 2.13 3.49
C PHE A 70 -3.83 2.20 4.99
N VAL A 71 -3.89 1.04 5.63
CA VAL A 71 -4.06 0.99 7.08
C VAL A 71 -2.93 0.14 7.68
N THR A 72 -2.19 0.74 8.61
CA THR A 72 -1.09 0.03 9.26
C THR A 72 -1.65 -0.77 10.44
N ALA A 73 -0.85 -1.69 10.96
CA ALA A 73 -1.27 -2.54 12.08
C ALA A 73 -1.76 -1.77 13.29
N ASP A 74 -1.19 -0.59 13.54
CA ASP A 74 -1.60 0.22 14.68
C ASP A 74 -2.86 1.04 14.42
N GLY A 75 -3.48 0.85 13.26
CA GLY A 75 -4.71 1.57 12.96
C GLY A 75 -4.59 2.93 12.30
N ALA A 76 -3.37 3.33 11.95
CA ALA A 76 -3.16 4.61 11.29
C ALA A 76 -3.66 4.51 9.86
N GLU A 77 -4.25 5.60 9.37
CA GLU A 77 -4.75 5.64 8.00
C GLU A 77 -3.68 6.47 7.31
N THR A 78 -3.08 5.91 6.26
CA THR A 78 -1.99 6.56 5.57
C THR A 78 -2.00 6.55 4.06
N ASP A 79 -1.04 7.26 3.50
CA ASP A 79 -0.89 7.33 2.06
C ASP A 79 -0.58 5.92 1.61
N LEU A 80 -0.96 5.59 0.38
CA LEU A 80 -0.71 4.26 -0.14
C LEU A 80 0.76 3.85 -0.28
N ASP A 81 1.67 4.82 -0.26
CA ASP A 81 3.09 4.46 -0.38
C ASP A 81 3.52 3.55 0.77
N ILE A 82 2.89 3.73 1.93
CA ILE A 82 3.21 2.90 3.08
C ILE A 82 3.01 1.43 2.71
N GLY A 83 1.94 1.16 1.98
CA GLY A 83 1.66 -0.20 1.55
C GLY A 83 2.73 -0.77 0.63
N HIS A 84 3.34 0.15 -0.22
CA HIS A 84 4.43 -0.24 -1.11
C HIS A 84 5.64 -0.60 -0.25
N TYR A 85 5.87 0.21 0.75
CA TYR A 85 7.04 0.01 1.60
C TYR A 85 6.89 -1.32 2.36
N GLU A 86 5.70 -1.58 2.87
CA GLU A 86 5.45 -2.81 3.60
C GLU A 86 5.68 -4.01 2.69
N ARG A 87 5.18 -3.94 1.47
CA ARG A 87 5.34 -5.04 0.53
C ARG A 87 6.77 -5.27 0.08
N PHE A 88 7.53 -4.20 -0.11
CA PHE A 88 8.91 -4.39 -0.55
C PHE A 88 9.85 -4.72 0.60
N LEU A 89 9.57 -4.19 1.77
CA LEU A 89 10.41 -4.46 2.92
C LEU A 89 9.94 -5.65 3.75
N ASP A 90 8.73 -6.13 3.45
CA ASP A 90 8.12 -7.24 4.21
C ASP A 90 8.25 -6.81 5.65
N MET A 91 7.68 -5.64 5.94
CA MET A 91 7.79 -5.07 7.27
C MET A 91 6.56 -4.28 7.72
N ASP A 92 6.18 -4.45 8.98
CA ASP A 92 5.03 -3.72 9.51
C ASP A 92 5.49 -2.31 9.84
N LEU A 93 4.81 -1.31 9.30
CA LEU A 93 5.16 0.07 9.58
C LEU A 93 4.09 0.62 10.50
N SER A 94 4.22 1.88 10.90
CA SER A 94 3.26 2.47 11.82
C SER A 94 2.93 3.91 11.42
N ARG A 95 2.08 4.55 12.20
CA ARG A 95 1.70 5.94 11.93
C ARG A 95 2.95 6.82 11.84
N GLY A 96 3.97 6.42 12.59
CA GLY A 96 5.21 7.17 12.61
C GLY A 96 5.93 7.18 11.27
N ASN A 97 5.57 6.28 10.36
CA ASN A 97 6.22 6.24 9.06
C ASN A 97 5.56 7.12 7.98
N ASN A 98 4.52 7.87 8.35
CA ASN A 98 3.87 8.76 7.38
C ASN A 98 3.71 10.13 8.05
N LEU A 99 4.62 11.04 7.69
CA LEU A 99 4.68 12.40 8.24
C LEU A 99 3.98 13.44 7.38
N THR A 100 3.17 14.30 8.02
CA THR A 100 2.46 15.34 7.28
C THR A 100 2.69 16.73 7.87
N THR A 101 2.35 17.75 7.09
CA THR A 101 2.48 19.12 7.56
C THR A 101 1.55 19.36 8.74
N GLY A 102 0.34 18.79 8.67
CA GLY A 102 -0.65 18.98 9.75
C GLY A 102 -0.19 18.42 11.09
N GLN A 103 0.31 17.20 11.06
CA GLN A 103 0.83 16.53 12.25
C GLN A 103 1.90 17.41 12.89
N VAL A 104 2.88 17.79 12.09
CA VAL A 104 3.99 18.58 12.58
C VAL A 104 3.57 19.91 13.17
N TYR A 105 2.76 20.65 12.45
CA TYR A 105 2.33 21.94 12.95
C TYR A 105 1.41 21.80 14.16
N LEU A 106 0.47 20.87 14.10
CA LEU A 106 -0.46 20.67 15.20
C LEU A 106 0.29 20.31 16.48
N SER A 107 1.26 19.42 16.31
CA SER A 107 2.10 18.95 17.39
C SER A 107 2.84 20.12 18.05
N VAL A 108 3.55 20.89 17.24
CA VAL A 108 4.30 22.02 17.78
C VAL A 108 3.39 23.09 18.38
N ILE A 109 2.24 23.32 17.75
CA ILE A 109 1.31 24.32 18.24
C ILE A 109 0.77 23.95 19.62
N GLN A 110 0.35 22.70 19.78
CA GLN A 110 -0.18 22.25 21.06
C GLN A 110 0.88 22.33 22.16
N LYS A 111 2.14 22.12 21.78
CA LYS A 111 3.25 22.20 22.73
C LYS A 111 3.44 23.63 23.21
N GLU A 112 3.37 24.59 22.30
CA GLU A 112 3.55 25.97 22.73
C GLU A 112 2.33 26.47 23.50
N ARG A 113 1.19 25.83 23.30
CA ARG A 113 0.01 26.25 24.03
C ARG A 113 0.17 25.79 25.47
N ARG A 114 0.83 24.65 25.67
CA ARG A 114 1.08 24.12 27.00
C ARG A 114 2.33 24.75 27.60
N GLY A 115 2.77 25.85 27.00
CA GLY A 115 3.95 26.55 27.50
C GLY A 115 5.24 25.73 27.50
N GLU A 116 5.21 24.56 26.86
CA GLU A 116 6.40 23.72 26.81
C GLU A 116 7.63 24.39 26.19
N TYR A 117 7.45 25.46 25.42
CA TYR A 117 8.60 26.12 24.82
C TYR A 117 9.17 27.20 25.73
N LEU A 118 8.67 27.24 26.96
CA LEU A 118 9.17 28.18 27.95
C LEU A 118 9.21 29.64 27.48
N SER A 119 8.04 30.20 27.20
CA SER A 119 7.94 31.60 26.77
C SER A 119 8.74 32.00 25.54
N GLN A 120 9.09 31.05 24.67
CA GLN A 120 10.03 31.32 23.58
C GLN A 120 9.06 31.68 22.47
N THR A 121 9.59 32.31 21.43
CA THR A 121 8.81 32.66 20.25
C THR A 121 9.08 31.54 19.27
N VAL A 122 8.04 30.76 19.01
CA VAL A 122 8.13 29.61 18.13
C VAL A 122 8.12 29.96 16.64
N GLN A 123 9.13 29.48 15.92
CA GLN A 123 9.22 29.75 14.50
C GLN A 123 9.33 28.45 13.71
N VAL A 124 9.16 28.56 12.40
CA VAL A 124 9.27 27.40 11.51
C VAL A 124 10.65 26.79 11.71
N ILE A 125 11.66 27.64 11.72
CA ILE A 125 13.02 27.21 11.95
C ILE A 125 13.35 27.89 13.27
N PRO A 126 13.79 27.13 14.29
CA PRO A 126 14.05 25.68 14.29
C PRO A 126 12.93 24.79 14.85
N HIS A 127 11.91 25.39 15.44
CA HIS A 127 10.83 24.60 16.07
C HIS A 127 10.10 23.58 15.19
N ILE A 128 9.64 23.99 14.02
CA ILE A 128 8.93 23.06 13.15
C ILE A 128 9.94 22.06 12.59
N THR A 129 11.12 22.55 12.20
CA THR A 129 12.13 21.68 11.65
C THR A 129 12.64 20.70 12.71
N ASP A 130 12.81 21.15 13.95
CA ASP A 130 13.26 20.25 15.00
C ASP A 130 12.23 19.13 15.16
N GLU A 131 10.95 19.49 15.13
CA GLU A 131 9.88 18.50 15.27
C GLU A 131 9.95 17.45 14.16
N ILE A 132 10.21 17.91 12.94
CA ILE A 132 10.31 17.01 11.80
C ILE A 132 11.44 15.98 11.94
N LYS A 133 12.63 16.46 12.28
CA LYS A 133 13.78 15.57 12.43
C LYS A 133 13.60 14.61 13.61
N GLU A 134 12.98 15.12 14.67
CA GLU A 134 12.71 14.33 15.86
C GLU A 134 11.82 13.14 15.54
N ARG A 135 10.78 13.38 14.74
CA ARG A 135 9.86 12.33 14.35
C ARG A 135 10.55 11.31 13.46
N ILE A 136 11.44 11.78 12.59
CA ILE A 136 12.14 10.87 11.72
C ILE A 136 13.02 9.94 12.56
N ARG A 137 13.79 10.53 13.47
CA ARG A 137 14.67 9.74 14.34
C ARG A 137 13.90 8.84 15.29
N LYS A 138 12.78 9.33 15.84
CA LYS A 138 11.98 8.54 16.76
C LYS A 138 11.51 7.22 16.15
N VAL A 139 10.93 7.30 14.97
CA VAL A 139 10.44 6.10 14.31
C VAL A 139 11.58 5.15 13.95
N ALA A 140 12.68 5.71 13.44
CA ALA A 140 13.83 4.90 13.05
C ALA A 140 14.38 4.15 14.28
N GLU A 141 14.35 4.81 15.43
CA GLU A 141 14.81 4.20 16.68
C GLU A 141 13.93 2.98 17.00
N GLU A 142 12.64 3.25 17.22
CA GLU A 142 11.66 2.23 17.55
C GLU A 142 11.71 1.07 16.57
N GLN A 143 12.10 1.35 15.33
CA GLN A 143 12.14 0.29 14.34
C GLN A 143 13.54 -0.27 14.17
N LYS A 144 14.44 0.10 15.07
CA LYS A 144 15.82 -0.38 15.05
C LYS A 144 16.47 -0.32 13.67
N ALA A 145 16.22 0.75 12.92
CA ALA A 145 16.78 0.83 11.57
C ALA A 145 18.25 1.20 11.49
N GLU A 146 18.95 0.53 10.59
CA GLU A 146 20.36 0.80 10.37
C GLU A 146 20.41 1.82 9.22
N ILE A 147 19.52 1.65 8.26
CA ILE A 147 19.43 2.58 7.14
C ILE A 147 17.96 2.94 6.98
N VAL A 148 17.66 4.23 7.05
CA VAL A 148 16.29 4.67 6.90
C VAL A 148 16.12 5.50 5.64
N VAL A 149 15.23 5.04 4.75
CA VAL A 149 14.96 5.73 3.51
C VAL A 149 13.77 6.65 3.69
N VAL A 150 14.00 7.95 3.54
CA VAL A 150 12.96 8.96 3.72
C VAL A 150 12.56 9.60 2.40
N GLU A 151 11.30 9.39 2.00
CA GLU A 151 10.79 9.95 0.75
C GLU A 151 9.99 11.21 1.03
N VAL A 152 10.38 12.30 0.38
CA VAL A 152 9.68 13.57 0.55
C VAL A 152 8.64 13.71 -0.55
N GLY A 153 7.37 13.82 -0.16
CA GLY A 153 6.31 13.97 -1.12
C GLY A 153 6.31 15.37 -1.73
N GLY A 154 5.55 15.55 -2.80
CA GLY A 154 5.49 16.85 -3.45
C GLY A 154 6.65 17.07 -4.40
N THR A 155 6.73 18.27 -4.95
CA THR A 155 7.80 18.58 -5.90
C THR A 155 8.67 19.69 -5.33
N VAL A 156 9.98 19.52 -5.46
CA VAL A 156 10.92 20.52 -4.97
C VAL A 156 10.54 21.85 -5.60
N GLY A 157 10.41 22.89 -4.77
CA GLY A 157 10.04 24.20 -5.28
C GLY A 157 8.77 24.74 -4.61
N ASP A 158 7.74 23.90 -4.54
CA ASP A 158 6.48 24.30 -3.92
C ASP A 158 6.78 24.68 -2.47
N ILE A 159 6.06 25.65 -1.92
CA ILE A 159 6.37 26.08 -0.57
C ILE A 159 5.97 25.14 0.53
N GLU A 160 5.05 24.23 0.27
CA GLU A 160 4.65 23.28 1.30
C GLU A 160 5.77 22.34 1.73
N SER A 161 6.75 22.12 0.86
CA SER A 161 7.85 21.21 1.19
C SER A 161 9.05 21.88 1.86
N LEU A 162 9.09 23.20 1.84
CA LEU A 162 10.22 23.93 2.41
C LEU A 162 10.63 23.52 3.83
N PRO A 163 9.68 23.42 4.77
CA PRO A 163 10.08 23.03 6.13
C PRO A 163 10.70 21.63 6.16
N PHE A 164 10.23 20.76 5.28
CA PHE A 164 10.76 19.40 5.22
C PHE A 164 12.12 19.34 4.55
N LEU A 165 12.33 20.18 3.53
CA LEU A 165 13.60 20.21 2.84
C LEU A 165 14.69 20.75 3.77
N GLU A 166 14.34 21.76 4.56
CA GLU A 166 15.29 22.35 5.51
C GLU A 166 15.62 21.33 6.62
N ALA A 167 14.62 20.55 7.01
CA ALA A 167 14.83 19.55 8.05
C ALA A 167 15.78 18.45 7.57
N ILE A 168 15.56 17.91 6.37
CA ILE A 168 16.44 16.86 5.92
C ILE A 168 17.84 17.37 5.61
N ARG A 169 17.93 18.63 5.17
CA ARG A 169 19.21 19.26 4.87
C ARG A 169 20.07 19.29 6.15
N GLN A 170 19.45 19.63 7.27
CA GLN A 170 20.15 19.71 8.54
C GLN A 170 20.76 18.38 8.99
N PHE A 171 20.22 17.27 8.49
CA PHE A 171 20.75 15.94 8.84
C PHE A 171 22.20 15.73 8.43
N ARG A 172 22.64 16.39 7.37
CA ARG A 172 24.02 16.23 6.93
C ARG A 172 24.95 16.61 8.07
N PHE A 173 24.72 17.77 8.65
CA PHE A 173 25.53 18.26 9.76
C PHE A 173 25.32 17.47 11.06
N ASP A 174 24.06 17.13 11.35
CA ASP A 174 23.76 16.40 12.58
C ASP A 174 24.37 15.00 12.61
N GLU A 175 24.26 14.27 11.49
CA GLU A 175 24.74 12.90 11.40
C GLU A 175 26.21 12.71 11.06
N GLY A 176 26.85 13.73 10.52
CA GLY A 176 28.25 13.59 10.20
C GLY A 176 28.50 13.02 8.82
N GLU A 177 29.77 13.03 8.45
CA GLU A 177 30.23 12.57 7.15
C GLU A 177 29.98 11.09 6.91
N GLY A 178 29.50 10.79 5.71
CA GLY A 178 29.24 9.41 5.31
C GLY A 178 27.93 8.80 5.80
N ASN A 179 27.13 9.56 6.54
CA ASN A 179 25.89 9.00 7.07
C ASN A 179 24.59 9.48 6.43
N THR A 180 24.68 10.35 5.43
CA THR A 180 23.49 10.84 4.76
C THR A 180 23.77 10.91 3.27
N LEU A 181 22.73 10.69 2.47
CA LEU A 181 22.84 10.69 1.02
C LEU A 181 21.53 11.27 0.51
N TYR A 182 21.61 12.08 -0.54
CA TYR A 182 20.41 12.68 -1.11
C TYR A 182 20.23 12.27 -2.55
N LEU A 183 19.07 11.69 -2.84
CA LEU A 183 18.72 11.24 -4.19
C LEU A 183 17.61 12.13 -4.71
N HIS A 184 17.66 12.45 -5.99
CA HIS A 184 16.64 13.32 -6.57
C HIS A 184 16.08 12.72 -7.85
N LEU A 185 14.77 12.52 -7.90
CA LEU A 185 14.11 11.95 -9.09
C LEU A 185 13.50 13.05 -9.93
N THR A 186 13.85 13.09 -11.21
CA THR A 186 13.34 14.13 -12.10
C THR A 186 12.90 13.56 -13.44
N LEU A 187 12.22 14.42 -14.21
CA LEU A 187 11.72 14.05 -15.53
C LEU A 187 12.59 14.62 -16.63
N VAL A 188 12.87 13.80 -17.64
CA VAL A 188 13.67 14.24 -18.79
C VAL A 188 12.74 14.10 -19.98
N PRO A 189 12.00 15.17 -20.31
CA PRO A 189 11.08 15.11 -21.44
C PRO A 189 11.75 14.65 -22.73
N TYR A 190 10.97 13.98 -23.57
CA TYR A 190 11.46 13.52 -24.87
C TYR A 190 10.55 14.13 -25.92
N LEU A 191 11.13 14.85 -26.87
CA LEU A 191 10.36 15.48 -27.93
C LEU A 191 10.55 14.72 -29.22
N GLU A 192 9.52 14.01 -29.66
CA GLU A 192 9.60 13.21 -30.88
C GLU A 192 9.96 14.03 -32.13
N THR A 193 9.33 15.19 -32.30
CA THR A 193 9.61 16.05 -33.44
C THR A 193 11.11 16.21 -33.63
N SER A 194 11.79 16.64 -32.59
CA SER A 194 13.23 16.83 -32.63
C SER A 194 13.95 15.52 -32.32
N GLU A 195 13.20 14.56 -31.76
CA GLU A 195 13.76 13.28 -31.39
C GLU A 195 14.92 13.53 -30.42
N GLU A 196 14.75 14.47 -29.49
CA GLU A 196 15.81 14.80 -28.55
C GLU A 196 15.35 14.80 -27.07
N PHE A 197 16.28 14.44 -26.18
CA PHE A 197 16.00 14.44 -24.74
C PHE A 197 16.30 15.81 -24.20
N LYS A 198 15.49 16.28 -23.25
CA LYS A 198 15.70 17.60 -22.68
C LYS A 198 16.13 17.51 -21.22
N THR A 199 17.33 18.00 -20.91
CA THR A 199 17.87 17.95 -19.55
C THR A 199 17.71 19.25 -18.78
N LYS A 200 17.19 20.28 -19.45
CA LYS A 200 17.02 21.57 -18.83
C LYS A 200 16.18 21.53 -17.56
N PRO A 201 15.01 20.90 -17.63
CA PRO A 201 14.19 20.84 -16.43
C PRO A 201 14.96 20.26 -15.24
N THR A 202 15.73 19.20 -15.48
CA THR A 202 16.53 18.57 -14.42
C THR A 202 17.52 19.60 -13.89
N GLN A 203 18.17 20.30 -14.80
CA GLN A 203 19.13 21.33 -14.41
C GLN A 203 18.50 22.37 -13.50
N HIS A 204 17.33 22.85 -13.89
CA HIS A 204 16.65 23.87 -13.11
C HIS A 204 16.19 23.34 -11.74
N SER A 205 15.64 22.12 -11.73
CA SER A 205 15.18 21.52 -10.48
C SER A 205 16.36 21.36 -9.50
N VAL A 206 17.49 20.90 -10.00
CA VAL A 206 18.66 20.75 -9.15
C VAL A 206 19.10 22.11 -8.63
N ALA A 207 19.00 23.14 -9.47
CA ALA A 207 19.38 24.49 -9.05
C ALA A 207 18.45 24.97 -7.92
N THR A 208 17.18 24.61 -7.99
CA THR A 208 16.22 24.99 -6.94
C THR A 208 16.60 24.24 -5.64
N LEU A 209 16.98 22.98 -5.76
CA LEU A 209 17.39 22.20 -4.60
C LEU A 209 18.57 22.90 -3.93
N ARG A 210 19.55 23.28 -4.74
CA ARG A 210 20.74 23.98 -4.23
C ARG A 210 20.33 25.28 -3.57
N GLY A 211 19.24 25.87 -4.05
CA GLY A 211 18.74 27.11 -3.49
C GLY A 211 18.25 26.94 -2.07
N VAL A 212 17.78 25.75 -1.71
CA VAL A 212 17.32 25.55 -0.35
C VAL A 212 18.44 24.89 0.43
N GLY A 213 19.63 24.89 -0.17
CA GLY A 213 20.81 24.34 0.50
C GLY A 213 21.13 22.89 0.28
N ILE A 214 20.49 22.24 -0.68
CA ILE A 214 20.77 20.84 -0.93
C ILE A 214 21.38 20.54 -2.29
N GLN A 215 22.45 19.76 -2.26
CA GLN A 215 23.12 19.34 -3.48
C GLN A 215 22.85 17.84 -3.54
N PRO A 216 22.09 17.38 -4.53
CA PRO A 216 21.83 15.94 -4.61
C PRO A 216 23.10 15.14 -4.91
N ASP A 217 23.23 13.96 -4.29
CA ASP A 217 24.39 13.12 -4.56
C ASP A 217 24.12 12.19 -5.73
N ILE A 218 22.86 11.79 -5.88
CA ILE A 218 22.45 10.87 -6.95
C ILE A 218 21.22 11.36 -7.69
N LEU A 219 21.20 11.17 -9.00
CA LEU A 219 20.07 11.58 -9.81
C LEU A 219 19.45 10.38 -10.52
N VAL A 220 18.12 10.31 -10.50
CA VAL A 220 17.44 9.24 -11.21
C VAL A 220 16.61 9.96 -12.28
N LEU A 221 16.80 9.57 -13.54
CA LEU A 221 16.11 10.20 -14.66
C LEU A 221 14.99 9.33 -15.22
N ARG A 222 13.81 9.93 -15.32
CA ARG A 222 12.63 9.24 -15.83
C ARG A 222 12.23 9.92 -17.13
N SER A 223 12.05 9.13 -18.19
CA SER A 223 11.66 9.69 -19.47
C SER A 223 10.74 8.74 -20.24
N ALA A 224 10.13 9.26 -21.30
CA ALA A 224 9.25 8.45 -22.14
C ALA A 224 10.04 7.24 -22.65
N ARG A 225 11.32 7.46 -22.96
CA ARG A 225 12.19 6.39 -23.45
C ARG A 225 13.40 6.30 -22.51
N PRO A 226 14.06 5.14 -22.46
CA PRO A 226 15.23 5.04 -21.58
C PRO A 226 16.26 6.13 -21.88
N VAL A 227 16.87 6.69 -20.84
CA VAL A 227 17.85 7.76 -21.02
C VAL A 227 19.26 7.30 -21.38
N PRO A 228 19.73 7.70 -22.57
CA PRO A 228 21.06 7.35 -23.07
C PRO A 228 22.19 7.85 -22.16
N GLU A 229 23.32 7.16 -22.17
CA GLU A 229 24.46 7.56 -21.36
C GLU A 229 24.94 8.95 -21.77
N GLU A 230 24.72 9.29 -23.04
CA GLU A 230 25.14 10.60 -23.54
C GLU A 230 24.34 11.67 -22.80
N VAL A 231 23.03 11.46 -22.70
CA VAL A 231 22.17 12.42 -22.02
C VAL A 231 22.47 12.38 -20.52
N ARG A 232 22.69 11.18 -20.00
CA ARG A 232 23.00 10.99 -18.59
C ARG A 232 24.31 11.69 -18.24
N ARG A 233 25.27 11.65 -19.16
CA ARG A 233 26.56 12.27 -18.90
C ARG A 233 26.43 13.79 -18.99
N LYS A 234 25.46 14.24 -19.78
CA LYS A 234 25.25 15.68 -19.92
C LYS A 234 24.68 16.22 -18.62
N VAL A 235 23.65 15.54 -18.12
CA VAL A 235 22.99 15.93 -16.88
C VAL A 235 24.03 16.02 -15.78
N ALA A 236 24.93 15.04 -15.71
CA ALA A 236 25.97 15.04 -14.69
C ALA A 236 26.81 16.32 -14.77
N LEU A 237 27.28 16.63 -15.98
CA LEU A 237 28.10 17.82 -16.22
C LEU A 237 27.43 19.11 -15.75
N PHE A 238 26.12 19.22 -15.92
CA PHE A 238 25.41 20.43 -15.51
C PHE A 238 24.70 20.43 -14.16
N THR A 239 24.98 19.44 -13.32
CA THR A 239 24.32 19.38 -12.01
C THR A 239 25.31 19.14 -10.88
N ASN A 240 26.59 19.09 -11.21
CA ASN A 240 27.66 18.85 -10.25
C ASN A 240 27.40 17.51 -9.56
N VAL A 241 27.04 16.52 -10.36
CA VAL A 241 26.77 15.17 -9.89
C VAL A 241 27.68 14.23 -10.70
N ARG A 242 28.40 13.34 -10.02
CA ARG A 242 29.29 12.40 -10.70
C ARG A 242 28.50 11.60 -11.72
N PRO A 243 29.08 11.35 -12.91
CA PRO A 243 28.41 10.58 -13.96
C PRO A 243 27.94 9.20 -13.48
N GLY A 244 28.75 8.55 -12.66
CA GLY A 244 28.39 7.24 -12.15
C GLY A 244 27.23 7.29 -11.18
N HIS A 245 26.81 8.49 -10.80
CA HIS A 245 25.71 8.68 -9.87
C HIS A 245 24.44 9.18 -10.54
N VAL A 246 24.38 9.02 -11.86
CA VAL A 246 23.22 9.41 -12.64
C VAL A 246 22.69 8.12 -13.23
N PHE A 247 21.40 7.84 -12.98
CA PHE A 247 20.76 6.62 -13.46
C PHE A 247 19.47 6.89 -14.20
N SER A 248 19.06 5.92 -15.01
CA SER A 248 17.82 6.03 -15.78
C SER A 248 16.75 5.22 -15.07
N SER A 249 15.53 5.75 -15.05
CA SER A 249 14.41 5.05 -14.44
C SER A 249 13.40 4.87 -15.55
N PRO A 250 13.59 3.83 -16.37
CA PRO A 250 12.68 3.54 -17.49
C PRO A 250 11.37 2.85 -17.10
N THR A 251 10.41 2.87 -18.03
CA THR A 251 9.13 2.23 -17.80
C THR A 251 9.36 0.77 -18.21
N VAL A 252 8.98 -0.17 -17.35
CA VAL A 252 9.18 -1.60 -17.66
C VAL A 252 8.03 -2.50 -17.20
N HIS A 254 6.69 -5.36 -15.32
CA HIS A 254 6.47 -5.86 -13.93
C HIS A 254 7.26 -5.06 -12.89
N LEU A 255 6.53 -4.39 -11.99
CA LEU A 255 7.16 -3.57 -10.96
C LEU A 255 8.23 -4.33 -10.18
N TYR A 256 8.13 -5.66 -10.16
CA TYR A 256 9.10 -6.46 -9.42
C TYR A 256 10.48 -6.46 -10.06
N GLU A 257 10.57 -6.09 -11.32
CA GLU A 257 11.87 -6.04 -11.99
C GLU A 257 12.59 -4.74 -11.63
N VAL A 258 11.82 -3.73 -11.23
CA VAL A 258 12.40 -2.43 -10.88
C VAL A 258 13.65 -2.55 -10.02
N PRO A 259 13.55 -3.20 -8.84
CA PRO A 259 14.76 -3.30 -8.03
C PRO A 259 15.88 -4.06 -8.73
N LEU A 260 15.51 -5.03 -9.56
CA LEU A 260 16.51 -5.81 -10.27
C LEU A 260 17.34 -4.94 -11.21
N LEU A 261 16.67 -4.18 -12.08
CA LEU A 261 17.35 -3.32 -13.04
C LEU A 261 18.11 -2.19 -12.38
N LEU A 262 17.57 -1.64 -11.30
CA LEU A 262 18.27 -0.57 -10.60
C LEU A 262 19.58 -1.10 -10.04
N GLU A 263 19.57 -2.36 -9.59
CA GLU A 263 20.78 -2.97 -9.04
C GLU A 263 21.78 -3.22 -10.17
N GLU A 264 21.26 -3.67 -11.30
CA GLU A 264 22.08 -3.94 -12.47
C GLU A 264 22.77 -2.66 -12.97
N GLN A 265 22.08 -1.52 -12.84
CA GLN A 265 22.64 -0.24 -13.29
C GLN A 265 23.71 0.28 -12.37
N GLY A 266 23.74 -0.21 -11.14
CA GLY A 266 24.75 0.22 -10.17
C GLY A 266 24.23 1.09 -9.04
N LEU A 267 22.92 1.32 -9.01
CA LEU A 267 22.34 2.16 -7.94
C LEU A 267 22.62 1.58 -6.56
N GLY A 268 22.60 0.26 -6.45
CA GLY A 268 22.86 -0.39 -5.18
C GLY A 268 24.28 -0.12 -4.73
N ARG A 269 25.22 -0.43 -5.59
CA ARG A 269 26.63 -0.21 -5.28
C ARG A 269 26.89 1.27 -5.00
N ALA A 270 26.31 2.14 -5.81
CA ALA A 270 26.49 3.57 -5.63
C ALA A 270 26.09 4.01 -4.22
N VAL A 271 24.86 3.70 -3.82
CA VAL A 271 24.37 4.09 -2.50
C VAL A 271 25.27 3.52 -1.40
N GLU A 272 25.66 2.27 -1.60
CA GLU A 272 26.50 1.56 -0.66
C GLU A 272 27.81 2.30 -0.36
N ARG A 273 28.56 2.62 -1.41
CA ARG A 273 29.84 3.32 -1.28
C ARG A 273 29.70 4.72 -0.72
N ALA A 274 28.74 5.49 -1.24
CA ALA A 274 28.53 6.85 -0.75
C ALA A 274 28.21 6.85 0.74
N LEU A 275 27.65 5.75 1.24
CA LEU A 275 27.31 5.64 2.66
C LEU A 275 28.48 5.10 3.48
N GLY A 276 29.59 4.84 2.80
CA GLY A 276 30.76 4.32 3.48
C GLY A 276 30.59 2.90 3.99
N LEU A 277 29.90 2.08 3.21
CA LEU A 277 29.66 0.69 3.58
C LEU A 277 30.46 -0.21 2.64
N GLU A 278 31.16 -1.18 3.21
CA GLU A 278 31.93 -2.14 2.42
C GLU A 278 30.91 -2.83 1.54
N ALA A 279 31.25 -3.03 0.28
CA ALA A 279 30.34 -3.67 -0.66
C ALA A 279 29.89 -5.06 -0.19
N VAL A 280 28.64 -5.40 -0.50
CA VAL A 280 28.08 -6.69 -0.14
C VAL A 280 27.19 -7.14 -1.30
N ILE A 281 27.59 -8.21 -1.98
CA ILE A 281 26.80 -8.70 -3.10
C ILE A 281 25.40 -8.91 -2.57
N PRO A 282 24.39 -8.35 -3.25
CA PRO A 282 23.01 -8.51 -2.79
C PRO A 282 22.41 -9.85 -3.19
N ASN A 283 21.54 -10.38 -2.35
CA ASN A 283 20.88 -11.64 -2.65
C ASN A 283 19.51 -11.23 -3.20
N LEU A 284 19.34 -11.28 -4.51
CA LEU A 284 18.09 -10.89 -5.13
C LEU A 284 17.34 -12.10 -5.69
N SER A 285 17.58 -13.27 -5.10
CA SER A 285 16.95 -14.51 -5.55
C SER A 285 15.43 -14.41 -5.54
N PHE A 286 14.85 -13.92 -4.46
CA PHE A 286 13.40 -13.81 -4.41
C PHE A 286 12.83 -13.05 -5.60
N TRP A 287 13.23 -11.78 -5.73
CA TRP A 287 12.76 -10.92 -6.82
C TRP A 287 12.98 -11.53 -8.19
N GLN A 288 14.11 -12.21 -8.35
CA GLN A 288 14.40 -12.85 -9.63
C GLN A 288 13.39 -13.97 -9.86
N GLU A 289 13.22 -14.83 -8.86
CA GLU A 289 12.29 -15.94 -8.97
C GLU A 289 10.86 -15.42 -9.12
N ALA A 290 10.57 -14.31 -8.46
CA ALA A 290 9.24 -13.72 -8.52
C ALA A 290 8.91 -13.28 -9.95
N VAL A 291 9.83 -12.54 -10.58
CA VAL A 291 9.63 -12.10 -11.95
C VAL A 291 9.65 -13.33 -12.86
N ARG A 292 10.37 -14.36 -12.43
CA ARG A 292 10.45 -15.61 -13.18
C ARG A 292 9.05 -16.15 -13.39
N VAL A 293 8.29 -16.23 -12.30
CA VAL A 293 6.92 -16.72 -12.34
C VAL A 293 6.02 -15.75 -13.10
N LEU A 294 6.28 -14.46 -12.95
CA LEU A 294 5.50 -13.44 -13.63
C LEU A 294 5.73 -13.47 -15.14
N HIS A 296 6.27 -15.11 -17.71
CA HIS A 296 5.45 -16.24 -18.22
C HIS A 296 5.02 -17.16 -17.08
N PRO A 297 3.70 -17.30 -16.88
CA PRO A 297 3.16 -18.16 -15.82
C PRO A 297 3.12 -19.63 -16.19
N GLU A 298 2.06 -20.30 -15.76
CA GLU A 298 1.85 -21.71 -16.04
C GLU A 298 0.41 -21.87 -16.48
N ARG A 299 -0.44 -20.94 -16.03
CA ARG A 299 -1.86 -20.96 -16.37
C ARG A 299 -2.36 -19.53 -16.51
N THR A 300 -3.68 -19.33 -16.48
CA THR A 300 -4.24 -17.99 -16.59
C THR A 300 -5.75 -17.96 -16.40
N VAL A 301 -6.17 -17.50 -15.23
CA VAL A 301 -7.59 -17.40 -14.90
C VAL A 301 -8.04 -15.95 -14.81
N LYS A 302 -9.27 -15.69 -15.22
CA LYS A 302 -9.82 -14.34 -15.19
C LYS A 302 -10.86 -14.26 -14.07
N ILE A 303 -10.70 -13.29 -13.19
CA ILE A 303 -11.66 -13.11 -12.10
C ILE A 303 -12.34 -11.76 -12.26
N ALA A 304 -13.54 -11.62 -11.71
CA ALA A 304 -14.28 -10.38 -11.81
C ALA A 304 -14.26 -9.63 -10.49
N ILE A 305 -14.09 -8.31 -10.56
CA ILE A 305 -14.09 -7.48 -9.37
C ILE A 305 -15.29 -6.55 -9.47
N ALA A 306 -16.20 -6.67 -8.51
CA ALA A 306 -17.41 -5.85 -8.49
C ALA A 306 -17.09 -4.41 -8.12
N GLY A 307 -17.02 -3.55 -9.13
CA GLY A 307 -16.74 -2.15 -8.90
C GLY A 307 -16.55 -1.37 -10.19
N LYS A 308 -16.26 -0.08 -10.06
CA LYS A 308 -16.06 0.82 -11.19
C LYS A 308 -14.59 1.01 -11.51
N PRO A 313 -7.94 3.29 -9.96
CA PRO A 313 -6.95 2.19 -10.02
C PRO A 313 -6.20 2.08 -8.71
N ASP A 314 -5.59 3.19 -8.31
CA ASP A 314 -4.84 3.26 -7.05
C ASP A 314 -5.82 3.05 -5.90
N ALA A 315 -7.10 3.11 -6.21
CA ALA A 315 -8.14 2.93 -5.19
C ALA A 315 -8.16 1.49 -4.70
N TYR A 316 -7.64 0.57 -5.52
CA TYR A 316 -7.61 -0.84 -5.18
C TYR A 316 -6.19 -1.39 -5.28
N LEU A 317 -5.19 -0.54 -5.03
CA LEU A 317 -3.80 -0.97 -5.14
C LEU A 317 -3.48 -2.23 -4.31
N SER A 318 -3.71 -2.19 -3.00
CA SER A 318 -3.42 -3.36 -2.17
C SER A 318 -4.26 -4.57 -2.57
N LEU A 319 -5.49 -4.31 -3.04
CA LEU A 319 -6.39 -5.37 -3.48
C LEU A 319 -5.72 -6.09 -4.66
N LEU A 320 -5.43 -5.33 -5.72
CA LEU A 320 -4.78 -5.85 -6.92
C LEU A 320 -3.45 -6.54 -6.64
N GLU A 321 -2.67 -5.99 -5.71
CA GLU A 321 -1.40 -6.58 -5.35
C GLU A 321 -1.65 -7.94 -4.73
N ALA A 322 -2.70 -8.03 -3.94
CA ALA A 322 -3.08 -9.28 -3.29
C ALA A 322 -3.36 -10.35 -4.36
N LEU A 323 -4.14 -10.01 -5.38
CA LEU A 323 -4.41 -10.98 -6.42
C LEU A 323 -3.11 -11.37 -7.10
N ARG A 324 -2.20 -10.41 -7.22
CA ARG A 324 -0.91 -10.66 -7.84
C ARG A 324 -0.11 -11.69 -7.05
N HIS A 325 -0.03 -11.47 -5.75
CA HIS A 325 0.69 -12.38 -4.87
C HIS A 325 0.11 -13.78 -5.00
N ALA A 326 -1.22 -13.85 -4.98
CA ALA A 326 -1.94 -15.11 -5.08
C ALA A 326 -1.57 -15.82 -6.39
N GLY A 327 -1.76 -15.12 -7.51
CA GLY A 327 -1.43 -15.69 -8.80
C GLY A 327 -0.06 -16.34 -8.78
N ILE A 328 0.89 -15.68 -8.10
CA ILE A 328 2.25 -16.19 -8.00
C ILE A 328 2.29 -17.49 -7.21
N LYS A 329 1.65 -17.50 -6.04
CA LYS A 329 1.64 -18.70 -5.22
C LYS A 329 1.05 -19.85 -5.99
N ASN A 330 0.13 -19.55 -6.91
CA ASN A 330 -0.50 -20.58 -7.72
C ASN A 330 0.08 -20.62 -9.13
N ARG A 331 1.34 -20.24 -9.25
CA ARG A 331 2.03 -20.20 -10.53
C ARG A 331 1.07 -19.90 -11.68
N ALA A 332 0.19 -18.91 -11.49
CA ALA A 332 -0.77 -18.55 -12.52
C ALA A 332 -1.04 -17.07 -12.64
N ARG A 333 -1.17 -16.60 -13.88
CA ARG A 333 -1.43 -15.20 -14.16
C ARG A 333 -2.91 -14.94 -13.94
N VAL A 334 -3.24 -13.77 -13.39
CA VAL A 334 -4.63 -13.43 -13.13
C VAL A 334 -5.06 -12.19 -13.92
N GLU A 335 -6.10 -12.35 -14.74
CA GLU A 335 -6.63 -11.22 -15.49
C GLU A 335 -7.78 -10.70 -14.66
N VAL A 336 -8.04 -9.39 -14.74
CA VAL A 336 -9.10 -8.78 -13.96
C VAL A 336 -10.13 -8.04 -14.78
N LYS A 337 -11.34 -8.57 -14.81
CA LYS A 337 -12.42 -7.94 -15.54
C LYS A 337 -13.19 -7.13 -14.51
N TRP A 338 -13.34 -5.83 -14.77
CA TRP A 338 -14.06 -4.96 -13.84
C TRP A 338 -15.55 -4.90 -14.12
N VAL A 339 -16.31 -5.61 -13.30
CA VAL A 339 -17.76 -5.64 -13.44
C VAL A 339 -18.41 -4.59 -12.58
N ASP A 340 -19.17 -3.71 -13.22
CA ASP A 340 -19.86 -2.65 -12.52
C ASP A 340 -21.34 -2.91 -12.36
N ALA A 341 -21.73 -3.42 -11.20
CA ALA A 341 -23.13 -3.73 -10.91
C ALA A 341 -23.95 -2.51 -10.50
N ALA A 346 -29.11 -4.97 -15.17
CA ALA A 346 -30.12 -5.85 -14.51
C ALA A 346 -29.63 -7.30 -14.52
N ALA A 347 -30.57 -8.24 -14.61
CA ALA A 347 -30.23 -9.67 -14.62
C ALA A 347 -29.37 -10.07 -15.82
N ASP A 348 -28.72 -9.09 -16.44
CA ASP A 348 -27.86 -9.32 -17.59
C ASP A 348 -26.45 -9.74 -17.12
N LEU A 349 -26.39 -10.55 -16.07
CA LEU A 349 -25.12 -11.00 -15.52
C LEU A 349 -24.42 -12.09 -16.31
N ASP A 350 -25.15 -13.17 -16.60
CA ASP A 350 -24.59 -14.31 -17.34
C ASP A 350 -23.48 -13.88 -18.30
N GLU A 351 -23.72 -12.80 -19.04
CA GLU A 351 -22.72 -12.29 -19.97
C GLU A 351 -21.56 -11.73 -19.15
N ALA A 352 -21.87 -10.71 -18.35
CA ALA A 352 -20.88 -10.05 -17.50
C ALA A 352 -20.06 -11.05 -16.70
N PHE A 353 -20.57 -12.26 -16.53
CA PHE A 353 -19.86 -13.26 -15.77
C PHE A 353 -19.50 -14.53 -16.54
N ARG A 354 -19.39 -14.41 -17.86
CA ARG A 354 -19.01 -15.54 -18.69
C ARG A 354 -17.50 -15.41 -18.89
N ASP A 355 -16.81 -16.54 -19.01
CA ASP A 355 -15.37 -16.51 -19.19
C ASP A 355 -14.65 -16.07 -17.92
N VAL A 356 -15.36 -16.09 -16.80
CA VAL A 356 -14.80 -15.71 -15.51
C VAL A 356 -14.92 -16.88 -14.54
N SER A 357 -13.90 -17.10 -13.73
CA SER A 357 -13.92 -18.21 -12.77
C SER A 357 -14.00 -17.76 -11.33
N GLY A 358 -14.38 -16.50 -11.10
CA GLY A 358 -14.47 -16.01 -9.74
C GLY A 358 -15.01 -14.60 -9.62
N ILE A 359 -15.69 -14.34 -8.51
CA ILE A 359 -16.27 -13.02 -8.25
C ILE A 359 -15.79 -12.46 -6.92
N LEU A 360 -15.27 -11.24 -6.95
CA LEU A 360 -14.77 -10.56 -5.76
C LEU A 360 -15.48 -9.23 -5.52
N VAL A 361 -16.09 -9.08 -4.35
CA VAL A 361 -16.76 -7.85 -3.99
C VAL A 361 -15.86 -7.19 -2.95
N PRO A 362 -15.19 -6.10 -3.33
CA PRO A 362 -14.27 -5.39 -2.43
C PRO A 362 -14.95 -4.53 -1.38
N GLY A 363 -14.15 -3.95 -0.50
CA GLY A 363 -14.69 -3.08 0.52
C GLY A 363 -15.16 -1.83 -0.20
N GLY A 364 -15.96 -1.03 0.49
CA GLY A 364 -16.45 0.19 -0.14
C GLY A 364 -16.72 1.27 0.89
N VAL A 367 -20.75 2.28 0.28
CA VAL A 367 -20.52 3.25 -0.82
C VAL A 367 -21.79 4.02 -1.20
N ARG A 368 -22.11 4.04 -2.49
CA ARG A 368 -23.27 4.76 -3.00
C ARG A 368 -24.15 3.88 -3.90
N GLY A 369 -24.62 2.76 -3.37
CA GLY A 369 -25.45 1.84 -4.15
C GLY A 369 -24.94 0.43 -3.96
N ILE A 370 -25.80 -0.47 -3.48
CA ILE A 370 -25.35 -1.83 -3.23
C ILE A 370 -26.18 -2.96 -3.83
N GLU A 371 -27.39 -2.66 -4.30
CA GLU A 371 -28.23 -3.72 -4.86
C GLU A 371 -27.59 -4.51 -5.99
N GLY A 372 -26.84 -3.82 -6.85
CA GLY A 372 -26.19 -4.49 -7.95
C GLY A 372 -25.23 -5.56 -7.47
N LYS A 373 -24.55 -5.29 -6.36
CA LYS A 373 -23.61 -6.28 -5.82
C LYS A 373 -24.42 -7.37 -5.16
N VAL A 374 -25.49 -6.99 -4.47
CA VAL A 374 -26.35 -7.96 -3.83
C VAL A 374 -26.77 -8.96 -4.89
N ARG A 375 -26.87 -8.49 -6.12
CA ARG A 375 -27.26 -9.33 -7.26
C ARG A 375 -26.12 -10.28 -7.63
N ALA A 376 -24.91 -9.75 -7.70
CA ALA A 376 -23.73 -10.55 -8.05
C ALA A 376 -23.44 -11.63 -7.02
N ALA A 377 -23.69 -11.32 -5.75
CA ALA A 377 -23.46 -12.27 -4.67
C ALA A 377 -24.45 -13.41 -4.88
N GLN A 378 -25.69 -13.02 -5.18
CA GLN A 378 -26.78 -13.96 -5.44
C GLN A 378 -26.37 -14.91 -6.55
N TYR A 379 -25.92 -14.32 -7.66
CA TYR A 379 -25.50 -15.07 -8.84
C TYR A 379 -24.33 -16.00 -8.54
N ALA A 380 -23.26 -15.45 -7.97
CA ALA A 380 -22.09 -16.26 -7.65
C ALA A 380 -22.45 -17.44 -6.74
N ARG A 381 -23.45 -17.23 -5.89
CA ARG A 381 -23.89 -18.25 -4.96
C ARG A 381 -24.68 -19.40 -5.62
N GLU A 382 -25.58 -19.05 -6.52
CA GLU A 382 -26.39 -20.07 -7.19
C GLU A 382 -25.69 -20.75 -8.37
N ARG A 383 -24.65 -20.11 -8.91
CA ARG A 383 -23.95 -20.70 -10.04
C ARG A 383 -22.62 -21.34 -9.58
N LYS A 384 -22.44 -21.41 -8.26
CA LYS A 384 -21.23 -21.99 -7.69
C LYS A 384 -19.96 -21.41 -8.29
N ILE A 385 -19.88 -20.07 -8.27
CA ILE A 385 -18.72 -19.36 -8.78
C ILE A 385 -17.92 -18.85 -7.58
N PRO A 386 -16.64 -19.23 -7.47
CA PRO A 386 -15.80 -18.79 -6.36
C PRO A 386 -16.06 -17.33 -6.00
N TYR A 387 -16.37 -17.07 -4.74
CA TYR A 387 -16.67 -15.73 -4.28
C TYR A 387 -15.88 -15.31 -3.04
N LEU A 388 -15.48 -14.04 -3.03
CA LEU A 388 -14.71 -13.46 -1.93
C LEU A 388 -15.19 -12.03 -1.70
N GLY A 389 -15.76 -11.79 -0.53
CA GLY A 389 -16.23 -10.46 -0.21
C GLY A 389 -15.36 -9.86 0.89
N ILE A 390 -14.85 -8.66 0.65
CA ILE A 390 -14.00 -7.98 1.63
C ILE A 390 -14.77 -6.83 2.26
N CYS A 391 -14.76 -6.75 3.59
CA CYS A 391 -15.44 -5.68 4.30
C CYS A 391 -16.91 -5.59 3.86
N LEU A 392 -17.21 -4.68 2.94
CA LEU A 392 -18.58 -4.55 2.46
C LEU A 392 -18.98 -5.83 1.70
N GLY A 393 -18.02 -6.43 1.01
CA GLY A 393 -18.26 -7.66 0.28
C GLY A 393 -18.81 -8.77 1.15
N LEU A 394 -18.46 -8.77 2.44
CA LEU A 394 -18.96 -9.79 3.35
C LEU A 394 -20.37 -9.43 3.76
N GLN A 395 -20.57 -8.15 4.07
CA GLN A 395 -21.87 -7.66 4.50
C GLN A 395 -22.91 -7.79 3.40
N ILE A 396 -22.46 -7.77 2.16
CA ILE A 396 -23.33 -7.89 1.00
C ILE A 396 -23.82 -9.32 0.83
N ALA A 397 -22.93 -10.28 1.11
CA ALA A 397 -23.26 -11.69 1.00
C ALA A 397 -24.24 -12.04 2.10
N VAL A 398 -24.05 -11.40 3.26
CA VAL A 398 -24.94 -11.62 4.40
C VAL A 398 -26.33 -11.04 4.10
N ILE A 399 -26.37 -9.85 3.52
CA ILE A 399 -27.65 -9.24 3.19
C ILE A 399 -28.34 -10.16 2.17
N GLU A 400 -27.54 -10.66 1.23
CA GLU A 400 -28.02 -11.55 0.18
C GLU A 400 -28.55 -12.88 0.74
N PHE A 401 -27.78 -13.46 1.66
CA PHE A 401 -28.17 -14.74 2.26
C PHE A 401 -29.46 -14.55 3.04
N ALA A 402 -29.46 -13.57 3.94
CA ALA A 402 -30.61 -13.28 4.77
C ALA A 402 -31.90 -13.15 3.98
N ARG A 403 -31.82 -12.50 2.82
CA ARG A 403 -33.00 -12.30 1.97
C ARG A 403 -33.52 -13.53 1.23
N ASN A 404 -32.67 -14.09 0.37
CA ASN A 404 -33.05 -15.24 -0.44
C ASN A 404 -32.80 -16.63 0.12
N VAL A 405 -32.38 -16.72 1.38
CA VAL A 405 -32.15 -18.04 1.97
C VAL A 405 -32.77 -18.08 3.36
N ALA A 406 -32.55 -17.02 4.13
CA ALA A 406 -33.08 -16.93 5.47
C ALA A 406 -34.51 -16.40 5.45
N GLY A 407 -34.93 -15.92 4.29
CA GLY A 407 -36.28 -15.39 4.15
C GLY A 407 -36.58 -14.16 4.99
N LEU A 408 -35.71 -13.17 4.92
CA LEU A 408 -35.91 -11.93 5.65
C LEU A 408 -35.99 -10.82 4.61
N LYS A 409 -37.15 -10.72 3.97
CA LYS A 409 -37.38 -9.73 2.92
C LYS A 409 -37.01 -8.31 3.30
N GLY A 410 -36.27 -7.65 2.41
CA GLY A 410 -35.85 -6.28 2.68
C GLY A 410 -34.70 -6.18 3.66
N ALA A 411 -34.04 -7.30 3.93
CA ALA A 411 -32.90 -7.31 4.85
C ALA A 411 -31.86 -6.36 4.25
N ASN A 412 -31.20 -5.58 5.11
CA ASN A 412 -30.21 -4.63 4.62
C ASN A 412 -29.33 -4.15 5.77
N SER A 413 -28.33 -3.35 5.42
CA SER A 413 -27.44 -2.73 6.38
C SER A 413 -28.07 -1.37 6.61
N THR A 414 -28.04 -0.89 7.84
CA THR A 414 -28.61 0.40 8.17
C THR A 414 -27.80 1.52 7.51
N GLU A 415 -26.71 1.14 6.86
CA GLU A 415 -25.87 2.11 6.16
C GLU A 415 -26.50 2.48 4.82
N PHE A 416 -27.21 1.54 4.22
CA PHE A 416 -27.85 1.78 2.95
C PHE A 416 -29.38 1.82 3.04
N ASP A 417 -29.90 1.57 4.24
CA ASP A 417 -31.35 1.62 4.49
C ASP A 417 -31.60 1.54 5.99
N PRO A 418 -31.51 2.70 6.66
CA PRO A 418 -31.70 2.88 8.10
C PRO A 418 -33.07 2.41 8.59
N HIS A 419 -33.99 2.17 7.66
CA HIS A 419 -35.34 1.77 8.06
C HIS A 419 -35.69 0.32 7.74
N THR A 420 -34.70 -0.44 7.26
CA THR A 420 -34.93 -1.85 6.94
C THR A 420 -35.52 -2.54 8.16
N PRO A 421 -36.45 -3.49 7.93
CA PRO A 421 -37.05 -4.21 9.06
C PRO A 421 -36.09 -5.28 9.62
N HIS A 422 -35.08 -5.63 8.84
CA HIS A 422 -34.11 -6.62 9.27
C HIS A 422 -32.68 -6.13 9.07
N PRO A 423 -32.20 -5.30 10.02
CA PRO A 423 -30.85 -4.74 9.97
C PRO A 423 -29.81 -5.79 10.36
N VAL A 424 -29.55 -6.72 9.45
CA VAL A 424 -28.57 -7.78 9.69
C VAL A 424 -27.15 -7.23 9.75
N ILE A 425 -26.97 -6.00 9.27
CA ILE A 425 -25.69 -5.31 9.31
C ILE A 425 -26.02 -3.96 9.91
N ASP A 426 -25.36 -3.61 11.01
CA ASP A 426 -25.63 -2.36 11.69
C ASP A 426 -24.35 -1.77 12.29
N LEU A 427 -24.51 -0.75 13.12
CA LEU A 427 -23.38 -0.09 13.76
C LEU A 427 -23.02 -0.72 15.10
N MET A 428 -21.91 -0.27 15.68
CA MET A 428 -21.41 -0.73 16.98
C MET A 428 -20.61 -2.04 16.92
N THR A 440 -15.12 3.34 9.41
CA THR A 440 -13.72 3.36 9.93
C THR A 440 -13.68 3.54 11.45
N MET A 441 -14.28 2.60 12.17
CA MET A 441 -14.30 2.65 13.63
C MET A 441 -13.27 1.65 14.13
N ARG A 442 -13.38 0.41 13.68
CA ARG A 442 -12.42 -0.61 14.05
C ARG A 442 -11.27 -0.38 13.09
N LEU A 443 -10.09 -0.10 13.63
CA LEU A 443 -8.90 0.19 12.82
C LEU A 443 -7.68 -0.66 13.17
N GLY A 444 -6.90 -1.01 12.14
CA GLY A 444 -5.71 -1.81 12.34
C GLY A 444 -5.95 -3.27 12.68
N ASP A 445 -4.88 -3.91 13.17
CA ASP A 445 -4.92 -5.31 13.54
C ASP A 445 -5.93 -5.66 14.64
N TRP A 446 -6.73 -6.66 14.36
CA TRP A 446 -7.72 -7.19 15.31
C TRP A 446 -7.60 -8.70 15.25
N PRO A 447 -7.60 -9.35 16.41
CA PRO A 447 -7.47 -10.81 16.45
C PRO A 447 -8.71 -11.51 15.92
N MET A 448 -8.49 -12.51 15.09
CA MET A 448 -9.56 -13.28 14.51
C MET A 448 -9.39 -14.75 14.91
N ARG A 449 -10.45 -15.34 15.47
CA ARG A 449 -10.43 -16.73 15.89
C ARG A 449 -11.11 -17.57 14.81
N ILE A 450 -10.32 -18.39 14.13
CA ILE A 450 -10.81 -19.26 13.05
C ILE A 450 -11.43 -20.55 13.59
N LYS A 451 -12.68 -20.80 13.21
CA LYS A 451 -13.40 -22.01 13.63
C LYS A 451 -12.78 -23.20 12.93
N PRO A 452 -12.28 -24.18 13.71
CA PRO A 452 -11.64 -25.40 13.22
C PRO A 452 -12.35 -26.10 12.05
N GLY A 453 -11.55 -26.74 11.21
CA GLY A 453 -12.06 -27.48 10.08
C GLY A 453 -12.99 -26.76 9.11
N THR A 454 -12.88 -25.44 9.03
CA THR A 454 -13.72 -24.68 8.11
C THR A 454 -12.92 -24.37 6.86
N LEU A 455 -13.59 -23.79 5.86
CA LEU A 455 -12.90 -23.41 4.62
C LEU A 455 -11.89 -22.32 4.95
N LEU A 456 -12.24 -21.50 5.93
CA LEU A 456 -11.41 -20.42 6.40
C LEU A 456 -10.22 -20.99 7.18
N HIS A 457 -10.43 -22.15 7.80
CA HIS A 457 -9.37 -22.80 8.57
C HIS A 457 -8.37 -23.46 7.63
N ARG A 458 -8.86 -23.97 6.51
CA ARG A 458 -7.99 -24.61 5.53
C ARG A 458 -7.01 -23.59 4.94
N LEU A 459 -7.49 -22.41 4.64
CA LEU A 459 -6.63 -21.39 4.05
C LEU A 459 -5.56 -20.87 4.99
N TYR A 460 -5.94 -20.57 6.23
CA TYR A 460 -4.98 -20.04 7.20
C TYR A 460 -4.18 -21.14 7.89
N GLY A 461 -4.75 -22.34 7.97
CA GLY A 461 -4.05 -23.46 8.59
C GLY A 461 -3.65 -23.19 10.03
N LYS A 462 -4.29 -22.19 10.64
CA LYS A 462 -4.01 -21.82 12.02
C LYS A 462 -5.34 -21.53 12.70
N GLU A 463 -5.32 -21.42 14.02
CA GLU A 463 -6.55 -21.16 14.75
C GLU A 463 -6.76 -19.67 14.98
N GLU A 464 -5.68 -18.90 15.06
CA GLU A 464 -5.77 -17.47 15.30
C GLU A 464 -4.77 -16.61 14.52
N VAL A 465 -5.27 -15.49 14.00
CA VAL A 465 -4.45 -14.57 13.23
C VAL A 465 -4.94 -13.14 13.43
N LEU A 466 -4.14 -12.18 12.97
CA LEU A 466 -4.50 -10.78 13.05
C LEU A 466 -4.73 -10.29 11.63
N GLU A 467 -5.71 -9.42 11.47
CA GLU A 467 -6.03 -8.83 10.18
C GLU A 467 -6.40 -7.38 10.43
N ARG A 468 -6.13 -6.53 9.46
CA ARG A 468 -6.39 -5.10 9.62
C ARG A 468 -7.79 -4.64 9.23
N HIS A 469 -8.36 -3.83 10.09
CA HIS A 469 -9.69 -3.30 9.91
C HIS A 469 -9.77 -1.82 9.65
N ARG A 470 -10.91 -1.45 9.05
CA ARG A 470 -11.26 -0.08 8.75
C ARG A 470 -12.73 -0.10 8.35
N HIS A 471 -13.62 -0.10 9.35
CA HIS A 471 -15.05 -0.13 9.09
C HIS A 471 -15.85 0.19 10.34
N ARG A 472 -17.09 0.62 10.15
CA ARG A 472 -17.96 0.99 11.26
C ARG A 472 -19.16 0.05 11.39
N TYR A 473 -19.49 -0.63 10.30
CA TYR A 473 -20.63 -1.54 10.28
C TYR A 473 -20.25 -2.99 10.49
N GLU A 474 -21.09 -3.70 11.24
CA GLU A 474 -20.85 -5.10 11.57
C GLU A 474 -22.10 -5.95 11.39
N VAL A 475 -21.91 -7.26 11.39
CA VAL A 475 -23.02 -8.20 11.29
C VAL A 475 -23.78 -8.02 12.60
N ASN A 476 -25.11 -7.87 12.53
CA ASN A 476 -25.90 -7.69 13.75
C ASN A 476 -25.97 -8.99 14.54
N PRO A 477 -25.49 -8.97 15.79
CA PRO A 477 -25.48 -10.13 16.68
C PRO A 477 -26.82 -10.86 16.75
N LEU A 478 -27.91 -10.08 16.83
CA LEU A 478 -29.24 -10.62 16.93
C LEU A 478 -29.70 -11.54 15.80
N TYR A 479 -29.15 -11.35 14.60
CA TYR A 479 -29.54 -12.17 13.47
C TYR A 479 -28.61 -13.35 13.17
N VAL A 480 -27.54 -13.47 13.94
CA VAL A 480 -26.56 -14.53 13.72
C VAL A 480 -27.11 -15.94 13.90
N ASP A 481 -27.97 -16.14 14.90
CA ASP A 481 -28.56 -17.46 15.15
C ASP A 481 -29.35 -17.93 13.93
N GLY A 482 -30.29 -17.12 13.51
CA GLY A 482 -31.14 -17.44 12.39
C GLY A 482 -30.42 -17.67 11.07
N LEU A 483 -29.31 -16.98 10.88
CA LEU A 483 -28.56 -17.13 9.63
C LEU A 483 -27.86 -18.47 9.57
N GLU A 484 -27.32 -18.92 10.69
CA GLU A 484 -26.63 -20.20 10.69
C GLU A 484 -27.63 -21.33 10.55
N ARG A 485 -28.81 -21.15 11.13
CA ARG A 485 -29.85 -22.16 11.04
C ARG A 485 -30.24 -22.34 9.57
N ALA A 486 -30.03 -21.30 8.76
CA ALA A 486 -30.35 -21.38 7.33
C ALA A 486 -29.18 -21.88 6.49
N GLY A 487 -28.04 -22.12 7.13
CA GLY A 487 -26.89 -22.63 6.40
C GLY A 487 -25.68 -21.72 6.26
N LEU A 488 -25.73 -20.54 6.87
CA LEU A 488 -24.63 -19.58 6.81
C LEU A 488 -23.61 -19.92 7.91
N VAL A 489 -22.36 -20.18 7.52
CA VAL A 489 -21.34 -20.52 8.50
C VAL A 489 -20.48 -19.35 8.99
N VAL A 490 -20.42 -19.18 10.31
CA VAL A 490 -19.60 -18.13 10.91
C VAL A 490 -18.25 -18.77 11.23
N SER A 491 -17.34 -18.76 10.26
CA SER A 491 -16.02 -19.35 10.47
C SER A 491 -15.01 -18.51 11.23
N ALA A 492 -15.43 -17.35 11.75
CA ALA A 492 -14.52 -16.50 12.50
C ALA A 492 -15.20 -15.39 13.31
N THR A 493 -14.63 -15.10 14.47
CA THR A 493 -15.14 -14.07 15.37
C THR A 493 -13.98 -13.43 16.13
N THR A 494 -14.23 -12.36 16.88
CA THR A 494 -13.16 -11.72 17.63
C THR A 494 -13.39 -11.70 19.12
N PRO A 495 -12.32 -11.94 19.89
CA PRO A 495 -12.39 -11.95 21.36
C PRO A 495 -12.72 -10.55 21.81
N GLY A 496 -12.37 -9.59 20.95
CA GLY A 496 -12.60 -8.19 21.24
C GLY A 496 -11.27 -7.49 21.37
N MET A 497 -11.28 -6.25 21.85
CA MET A 497 -10.03 -5.51 22.00
C MET A 497 -10.23 -4.23 22.81
N GLY A 501 -13.86 -5.66 23.98
CA GLY A 501 -14.01 -4.78 22.78
C GLY A 501 -14.97 -5.32 21.73
N ALA A 502 -14.97 -6.64 21.52
CA ALA A 502 -15.84 -7.25 20.52
C ALA A 502 -16.47 -8.59 20.87
N GLY A 503 -16.64 -9.41 19.83
CA GLY A 503 -17.25 -10.72 19.93
C GLY A 503 -18.01 -10.86 18.62
N LEU A 504 -17.72 -9.94 17.71
CA LEU A 504 -18.35 -9.85 16.41
C LEU A 504 -17.91 -10.88 15.38
N VAL A 505 -18.75 -11.08 14.37
CA VAL A 505 -18.46 -12.01 13.28
C VAL A 505 -17.30 -11.43 12.49
N GLU A 506 -16.38 -12.28 12.06
CA GLU A 506 -15.22 -11.83 11.29
C GLU A 506 -15.20 -12.46 9.91
N ALA A 507 -15.82 -13.62 9.78
CA ALA A 507 -15.84 -14.29 8.49
C ALA A 507 -17.05 -15.22 8.33
N ILE A 508 -17.53 -15.34 7.10
CA ILE A 508 -18.66 -16.19 6.77
C ILE A 508 -18.31 -17.02 5.54
N GLU A 509 -18.99 -18.16 5.40
CA GLU A 509 -18.79 -19.05 4.26
C GLU A 509 -19.99 -19.99 4.15
N LEU A 510 -19.92 -20.93 3.24
CA LEU A 510 -20.98 -21.90 3.02
C LEU A 510 -20.35 -23.25 2.74
N LYS A 511 -20.68 -24.27 3.54
CA LYS A 511 -20.13 -25.62 3.33
C LYS A 511 -20.45 -26.06 1.91
N ASP A 512 -21.56 -25.52 1.39
CA ASP A 512 -22.01 -25.77 0.04
C ASP A 512 -21.70 -25.39 -1.40
N HIS A 513 -20.80 -24.44 -1.62
CA HIS A 513 -20.43 -24.06 -2.98
C HIS A 513 -18.95 -24.42 -2.90
N PRO A 514 -18.26 -24.48 -4.05
CA PRO A 514 -16.84 -24.82 -4.10
C PRO A 514 -15.92 -23.82 -3.36
N PHE A 515 -16.41 -22.60 -3.16
CA PHE A 515 -15.65 -21.56 -2.45
C PHE A 515 -16.48 -20.30 -2.32
N PHE A 516 -16.90 -20.00 -1.09
CA PHE A 516 -17.70 -18.81 -0.81
C PHE A 516 -17.20 -18.27 0.53
N LEU A 517 -16.40 -17.21 0.49
CA LEU A 517 -15.84 -16.65 1.72
C LEU A 517 -15.96 -15.13 1.80
N GLY A 518 -16.09 -14.63 3.02
CA GLY A 518 -16.19 -13.21 3.26
C GLY A 518 -15.57 -12.88 4.61
N LEU A 519 -14.77 -11.82 4.67
CA LEU A 519 -14.13 -11.38 5.91
C LEU A 519 -14.44 -9.90 6.13
N GLN A 520 -14.55 -9.49 7.39
CA GLN A 520 -14.84 -8.10 7.71
C GLN A 520 -13.63 -7.19 7.54
N SER A 521 -12.44 -7.75 7.75
CA SER A 521 -11.20 -7.01 7.65
C SER A 521 -10.76 -6.88 6.22
N HIS A 522 -9.63 -6.20 6.03
CA HIS A 522 -9.04 -6.02 4.71
C HIS A 522 -7.77 -6.86 4.67
N PRO A 523 -7.91 -8.17 4.41
CA PRO A 523 -6.73 -9.03 4.36
C PRO A 523 -5.67 -8.60 3.33
N GLU A 524 -6.07 -7.87 2.30
CA GLU A 524 -5.11 -7.44 1.29
C GLU A 524 -4.01 -6.58 1.91
N PHE A 525 -4.35 -5.82 2.94
CA PHE A 525 -3.36 -4.96 3.57
C PHE A 525 -2.11 -5.64 4.13
N LYS A 526 -2.22 -6.91 4.50
CA LYS A 526 -1.08 -7.64 5.03
C LYS A 526 -0.46 -8.53 3.98
N SER A 527 -1.09 -8.57 2.81
CA SER A 527 -0.57 -9.41 1.74
C SER A 527 0.78 -8.91 1.21
N ARG A 528 1.76 -9.81 1.15
CA ARG A 528 3.07 -9.44 0.66
C ARG A 528 3.52 -10.49 -0.34
N PRO A 529 4.30 -10.08 -1.36
CA PRO A 529 4.77 -11.04 -2.36
C PRO A 529 5.50 -12.23 -1.76
N MET A 530 6.07 -12.06 -0.58
CA MET A 530 6.80 -13.14 0.09
C MET A 530 5.84 -13.98 0.94
N ARG A 531 4.64 -13.45 1.15
CA ARG A 531 3.63 -14.12 1.95
C ARG A 531 2.24 -13.67 1.52
N PRO A 532 1.71 -14.31 0.47
CA PRO A 532 0.38 -13.96 -0.05
C PRO A 532 -0.67 -14.12 1.05
N SER A 533 -1.77 -13.38 0.91
CA SER A 533 -2.84 -13.46 1.89
C SER A 533 -3.60 -14.75 1.56
N PRO A 534 -3.87 -15.57 2.59
CA PRO A 534 -4.57 -16.82 2.31
C PRO A 534 -5.92 -16.67 1.60
N PRO A 535 -6.81 -15.80 2.10
CA PRO A 535 -8.09 -15.64 1.41
C PRO A 535 -7.95 -15.46 -0.09
N PHE A 536 -6.92 -14.72 -0.50
CA PHE A 536 -6.72 -14.51 -1.93
C PHE A 536 -6.05 -15.71 -2.59
N VAL A 537 -5.17 -16.38 -1.85
CA VAL A 537 -4.50 -17.56 -2.38
C VAL A 537 -5.59 -18.61 -2.60
N GLY A 538 -6.42 -18.79 -1.58
CA GLY A 538 -7.51 -19.75 -1.68
C GLY A 538 -8.47 -19.37 -2.80
N PHE A 539 -8.86 -18.11 -2.85
CA PHE A 539 -9.77 -17.61 -3.87
C PHE A 539 -9.24 -17.87 -5.27
N VAL A 540 -7.95 -17.65 -5.48
CA VAL A 540 -7.34 -17.87 -6.79
C VAL A 540 -7.27 -19.36 -7.12
N GLU A 541 -7.08 -20.18 -6.10
CA GLU A 541 -6.98 -21.62 -6.28
C GLU A 541 -8.29 -22.15 -6.85
N ALA A 542 -9.37 -21.91 -6.10
CA ALA A 542 -10.69 -22.35 -6.52
C ALA A 542 -11.00 -21.82 -7.91
N ALA A 543 -10.49 -20.62 -8.21
CA ALA A 543 -10.74 -20.04 -9.52
C ALA A 543 -10.05 -20.89 -10.57
N LEU A 544 -8.95 -21.53 -10.17
CA LEU A 544 -8.19 -22.40 -11.07
C LEU A 544 -8.92 -23.74 -11.17
N ALA A 545 -9.49 -24.19 -10.06
CA ALA A 545 -10.22 -25.44 -10.05
C ALA A 545 -11.49 -25.25 -10.90
N TYR A 546 -12.16 -24.12 -10.71
CA TYR A 546 -13.36 -23.79 -11.46
C TYR A 546 -13.02 -23.70 -12.94
N GLN A 547 -11.73 -23.54 -13.23
CA GLN A 547 -11.25 -23.44 -14.60
C GLN A 547 -11.11 -24.81 -15.25
S SO4 B . 3.99 12.12 -3.54
O1 SO4 B . 3.64 12.50 -5.08
O2 SO4 B . 3.81 13.36 -2.80
O3 SO4 B . 3.22 11.16 -3.12
O4 SO4 B . 5.40 11.82 -3.61
S SO4 C . 4.69 8.40 -7.44
O1 SO4 C . 4.40 7.84 -8.93
O2 SO4 C . 3.49 9.12 -7.08
O3 SO4 C . 4.95 7.39 -6.63
O4 SO4 C . 5.77 9.33 -7.62
S SO4 D . 18.46 20.67 -23.08
O1 SO4 D . 18.24 20.81 -24.68
O2 SO4 D . 17.11 20.61 -22.52
O3 SO4 D . 19.17 19.59 -22.82
O4 SO4 D . 19.07 21.93 -22.73
#